data_5FGU
#
_entry.id   5FGU
#
_cell.length_a   81.407
_cell.length_b   139.373
_cell.length_c   120.970
_cell.angle_alpha   90.00
_cell.angle_beta   90.00
_cell.angle_gamma   90.00
#
_symmetry.space_group_name_H-M   'C 2 2 21'
#
loop_
_entity.id
_entity.type
_entity.pdbx_description
1 polymer 'Green fluorescent protein,Extracellular streptodornase D'
2 non-polymer 'SULFATE ION'
3 non-polymer 1,2-ETHANEDIOL
4 non-polymer 'ACETATE ION'
5 water water
#
_entity_poly.entity_id   1
_entity_poly.type   'polypeptide(L)'
_entity_poly.pdbx_seq_one_letter_code
;GSHMSKGEELFTGVVPILVELDGDVNGHKFSVSGEGEGDATYGKLTLKFICTTGKLPVPWPTLVTTF(CR2)VQCFARYP
DHMKQHDFFKSAMPEGYVQERTIFFKDDGNYKTRAEVKFEGDTLVNRIELKGIDFKEDGNILGHKLEYNYNSHNVYIMAD
KQKNGIKVNFKIRHNIEDGSVQLADHYQQNTPIGDGPVLLPDNHYLSTQSALSKDPNEKRDHMVLLEFVTAAGIAAAGKA
QLDIKNFPELYRTTERVYKKSGQSTKPVTVSNIHYSVLDGYGRSGEAYGIITKDMIDMSAGYREKWESKPEPSGWYSYFF
KNTNQRATESDYKHSPKNVSKISNNIKASILLSNGNVRNGYLFDRSGLIADSLGGRPFRNNLITGTRTQNVGNNDRKGGM
QYIENKVLDHIKRNPKVHVYYKATPVYQGSELLPRAVLVSALSSDGFIDETVRVFNNVAGFNIDYQNGGLLSSTADVDIN
NVEENEIETTDDEIEEGIENEPDTDALKKDNKDTSLQDTVYVASNGQSDVYWYNKDSMPKTVNLEKVVEMSEQVALTRGK
HHSTQENIE
;
_entity_poly.pdbx_strand_id   A
#
# COMPACT_ATOMS: atom_id res chain seq x y z
N LYS A 6 -11.85 -1.90 -21.04
CA LYS A 6 -11.10 -2.09 -22.27
C LYS A 6 -9.70 -1.46 -22.19
N GLY A 7 -9.60 -0.32 -21.54
CA GLY A 7 -8.29 0.29 -21.34
C GLY A 7 -7.51 -0.54 -20.34
N GLU A 8 -8.20 -1.17 -19.40
CA GLU A 8 -7.54 -2.00 -18.38
C GLU A 8 -6.79 -3.19 -19.02
N GLU A 9 -7.27 -3.67 -20.17
CA GLU A 9 -6.64 -4.79 -20.86
C GLU A 9 -5.22 -4.50 -21.35
N LEU A 10 -4.87 -3.22 -21.48
CA LEU A 10 -3.53 -2.85 -21.92
CA LEU A 10 -3.54 -2.83 -21.91
C LEU A 10 -2.50 -2.96 -20.80
N PHE A 11 -2.96 -3.25 -19.59
CA PHE A 11 -2.10 -3.23 -18.41
C PHE A 11 -1.98 -4.58 -17.69
N THR A 12 -2.33 -5.67 -18.36
CA THR A 12 -2.29 -6.98 -17.71
C THR A 12 -0.88 -7.59 -17.74
N GLY A 13 0.02 -6.98 -18.52
CA GLY A 13 1.40 -7.44 -18.54
C GLY A 13 2.32 -6.27 -18.22
N VAL A 14 3.60 -6.47 -18.45
CA VAL A 14 4.57 -5.41 -18.28
C VAL A 14 4.48 -4.43 -19.45
N VAL A 15 4.49 -3.13 -19.15
CA VAL A 15 4.36 -2.07 -20.14
C VAL A 15 5.58 -1.13 -20.09
N PRO A 16 6.27 -0.90 -21.23
CA PRO A 16 7.42 0.01 -21.25
C PRO A 16 6.95 1.43 -20.99
N ILE A 17 7.77 2.25 -20.31
CA ILE A 17 7.43 3.62 -20.01
C ILE A 17 8.51 4.58 -20.52
N LEU A 18 8.07 5.71 -21.05
CA LEU A 18 8.96 6.84 -21.40
C LEU A 18 8.43 8.11 -20.73
N VAL A 19 9.33 8.87 -20.12
CA VAL A 19 8.98 10.13 -19.47
C VAL A 19 9.86 11.22 -20.10
N GLU A 20 9.26 12.38 -20.36
CA GLU A 20 10.00 13.52 -20.88
C GLU A 20 9.45 14.76 -20.25
N LEU A 21 10.36 15.57 -19.71
CA LEU A 21 9.98 16.77 -18.99
C LEU A 21 10.71 17.96 -19.57
N ASP A 22 9.93 18.97 -19.92
CA ASP A 22 10.42 20.29 -20.39
C ASP A 22 10.20 21.23 -19.21
N GLY A 23 11.29 21.71 -18.60
CA GLY A 23 11.20 22.45 -17.34
C GLY A 23 11.71 23.88 -17.46
N ASP A 24 11.11 24.78 -16.68
CA ASP A 24 11.53 26.16 -16.59
C ASP A 24 11.31 26.57 -15.13
N VAL A 25 12.38 26.83 -14.39
CA VAL A 25 12.28 27.29 -13.00
C VAL A 25 12.98 28.61 -12.83
N ASN A 26 12.18 29.60 -12.45
CA ASN A 26 12.65 30.97 -12.30
C ASN A 26 13.31 31.46 -13.61
N GLY A 27 12.77 30.99 -14.74
CA GLY A 27 13.22 31.39 -16.05
C GLY A 27 14.35 30.56 -16.63
N HIS A 28 14.84 29.61 -15.83
CA HIS A 28 15.96 28.74 -16.23
C HIS A 28 15.47 27.40 -16.72
N LYS A 29 15.85 27.08 -17.96
CA LYS A 29 15.35 25.89 -18.64
C LYS A 29 16.17 24.65 -18.35
N PHE A 30 15.50 23.51 -18.31
CA PHE A 30 16.16 22.22 -18.20
C PHE A 30 15.27 21.14 -18.79
N SER A 31 15.88 20.01 -19.13
CA SER A 31 15.14 18.86 -19.67
C SER A 31 15.51 17.61 -18.91
N VAL A 32 14.53 16.73 -18.74
CA VAL A 32 14.76 15.41 -18.16
C VAL A 32 14.11 14.33 -19.04
N SER A 33 14.84 13.25 -19.25
CA SER A 33 14.32 12.07 -19.94
CA SER A 33 14.30 12.08 -19.93
CA SER A 33 14.30 12.07 -19.92
C SER A 33 14.33 10.88 -18.99
N GLY A 34 13.30 10.05 -19.06
CA GLY A 34 13.24 8.88 -18.20
C GLY A 34 12.75 7.66 -18.98
N GLU A 35 13.10 6.47 -18.52
CA GLU A 35 12.61 5.26 -19.18
C GLU A 35 12.58 4.14 -18.16
N GLY A 36 11.67 3.21 -18.37
CA GLY A 36 11.59 2.02 -17.54
C GLY A 36 10.35 1.23 -17.90
N GLU A 37 9.68 0.69 -16.90
CA GLU A 37 8.55 -0.20 -17.15
C GLU A 37 7.65 -0.27 -15.94
N GLY A 38 6.38 -0.60 -16.19
CA GLY A 38 5.39 -0.72 -15.13
C GLY A 38 4.62 -2.02 -15.23
N ASP A 39 4.19 -2.54 -14.08
CA ASP A 39 3.48 -3.85 -14.02
C ASP A 39 2.34 -3.60 -13.03
N ALA A 40 1.20 -3.19 -13.58
CA ALA A 40 0.08 -2.79 -12.74
C ALA A 40 -0.51 -3.93 -11.94
N THR A 41 -0.29 -5.19 -12.37
N THR A 41 -0.28 -5.19 -12.32
CA THR A 41 -0.72 -6.35 -11.59
CA THR A 41 -0.83 -6.30 -11.54
C THR A 41 -0.16 -6.27 -10.20
C THR A 41 -0.09 -6.42 -10.21
N TYR A 42 1.07 -5.78 -10.10
CA TYR A 42 1.76 -5.64 -8.82
C TYR A 42 1.77 -4.20 -8.31
N GLY A 43 1.27 -3.28 -9.12
CA GLY A 43 1.31 -1.88 -8.79
C GLY A 43 2.74 -1.34 -8.74
N LYS A 44 3.62 -1.89 -9.57
CA LYS A 44 5.05 -1.63 -9.43
C LYS A 44 5.60 -0.97 -10.68
N LEU A 45 6.38 0.11 -10.50
CA LEU A 45 7.08 0.66 -11.66
C LEU A 45 8.52 1.04 -11.29
N THR A 46 9.38 0.99 -12.29
CA THR A 46 10.79 1.27 -12.12
CA THR A 46 10.78 1.32 -12.09
C THR A 46 11.18 2.20 -13.26
N LEU A 47 11.84 3.30 -12.93
CA LEU A 47 12.23 4.30 -13.92
C LEU A 47 13.59 4.85 -13.57
N LYS A 48 14.34 5.25 -14.59
CA LYS A 48 15.61 5.95 -14.38
C LYS A 48 15.51 7.23 -15.16
N PHE A 49 15.85 8.35 -14.52
CA PHE A 49 15.75 9.70 -15.11
C PHE A 49 17.14 10.29 -15.24
N ILE A 50 17.36 10.98 -16.36
CA ILE A 50 18.59 11.71 -16.62
C ILE A 50 18.29 13.17 -16.88
N CYS A 51 19.03 14.11 -16.26
CA CYS A 51 18.89 15.51 -16.66
C CYS A 51 19.79 15.69 -17.88
N THR A 52 19.18 15.83 -19.04
CA THR A 52 19.97 15.81 -20.27
C THR A 52 20.68 17.11 -20.56
N THR A 53 20.28 18.18 -19.88
CA THR A 53 20.83 19.49 -20.16
C THR A 53 21.97 19.85 -19.22
N GLY A 54 22.25 19.01 -18.24
CA GLY A 54 23.34 19.29 -17.30
C GLY A 54 22.94 18.99 -15.87
N LYS A 55 23.23 19.92 -14.97
CA LYS A 55 22.83 19.77 -13.57
C LYS A 55 21.36 20.14 -13.41
N LEU A 56 20.60 19.29 -12.71
CA LEU A 56 19.21 19.58 -12.42
C LEU A 56 19.15 20.79 -11.45
N PRO A 57 18.37 21.83 -11.80
CA PRO A 57 18.43 23.04 -10.96
C PRO A 57 17.50 23.02 -9.75
N VAL A 58 16.77 21.93 -9.60
CA VAL A 58 15.95 21.69 -8.42
C VAL A 58 16.28 20.31 -7.88
N PRO A 59 15.89 20.02 -6.63
CA PRO A 59 16.18 18.66 -6.10
C PRO A 59 15.35 17.58 -6.75
N TRP A 60 15.98 16.43 -7.02
CA TRP A 60 15.29 15.29 -7.63
C TRP A 60 14.01 14.92 -6.90
N PRO A 61 14.06 14.89 -5.55
CA PRO A 61 12.83 14.47 -4.88
C PRO A 61 11.60 15.38 -5.15
N THR A 62 11.81 16.67 -5.50
CA THR A 62 10.67 17.57 -5.72
C THR A 62 9.93 17.26 -7.00
N LEU A 63 10.53 16.42 -7.85
CA LEU A 63 9.92 16.02 -9.14
C LEU A 63 9.32 14.61 -9.18
N VAL A 64 9.44 13.84 -8.09
CA VAL A 64 8.92 12.47 -8.04
C VAL A 64 7.44 12.39 -8.38
N THR A 65 6.59 13.26 -7.81
CA THR A 65 5.18 13.19 -8.14
C THR A 65 4.86 13.59 -9.57
N THR A 66 5.69 14.45 -10.14
CA THR A 66 5.45 14.90 -11.49
C THR A 66 5.81 13.78 -12.46
N PHE A 67 6.92 13.10 -12.19
CA PHE A 67 7.37 11.97 -13.02
C PHE A 67 6.49 10.72 -12.91
N VAL A 69 2.24 8.50 -13.16
CA VAL A 69 1.65 7.50 -14.04
C VAL A 69 0.79 6.56 -13.20
N GLN A 70 -0.30 7.13 -12.70
CA GLN A 70 -1.15 6.47 -11.73
C GLN A 70 -1.95 5.37 -12.41
N CYS A 71 -1.84 5.29 -13.74
CA CYS A 71 -2.44 4.18 -14.46
C CYS A 71 -1.76 2.84 -14.12
N PHE A 72 -0.62 2.87 -13.42
CA PHE A 72 0.03 1.61 -13.01
C PHE A 72 -0.36 1.15 -11.60
N ALA A 73 -1.32 1.81 -10.99
CA ALA A 73 -1.83 1.36 -9.70
C ALA A 73 -2.49 -0.01 -9.79
N ARG A 74 -2.31 -0.81 -8.75
CA ARG A 74 -3.05 -2.05 -8.61
CA ARG A 74 -3.05 -2.05 -8.61
C ARG A 74 -4.36 -1.77 -7.87
N TYR A 75 -5.48 -1.91 -8.56
CA TYR A 75 -6.80 -1.83 -7.93
C TYR A 75 -7.23 -3.21 -7.53
N PRO A 76 -7.67 -3.38 -6.27
CA PRO A 76 -8.28 -4.69 -5.94
C PRO A 76 -9.40 -5.02 -6.90
N ASP A 77 -9.63 -6.31 -7.14
CA ASP A 77 -10.61 -6.73 -8.13
C ASP A 77 -12.00 -6.13 -7.91
N HIS A 78 -12.45 -6.07 -6.66
CA HIS A 78 -13.78 -5.53 -6.38
C HIS A 78 -13.83 -3.99 -6.45
N MET A 79 -12.72 -3.37 -6.80
CA MET A 79 -12.65 -1.90 -6.99
C MET A 79 -12.32 -1.50 -8.41
N LYS A 80 -12.22 -2.46 -9.32
CA LYS A 80 -11.63 -2.16 -10.61
C LYS A 80 -12.51 -1.22 -11.40
N GLN A 81 -13.78 -1.12 -10.99
CA GLN A 81 -14.70 -0.20 -11.64
C GLN A 81 -14.43 1.26 -11.30
N HIS A 82 -13.48 1.51 -10.40
CA HIS A 82 -13.15 2.87 -9.97
C HIS A 82 -11.84 3.35 -10.54
N ASP A 83 -11.32 2.60 -11.52
CA ASP A 83 -10.01 2.90 -12.10
C ASP A 83 -10.14 3.80 -13.33
N PHE A 84 -10.27 5.10 -13.07
CA PHE A 84 -10.32 6.11 -14.13
C PHE A 84 -9.11 6.09 -15.07
N PHE A 85 -7.92 6.02 -14.47
CA PHE A 85 -6.65 6.13 -15.18
C PHE A 85 -6.53 5.14 -16.33
N LYS A 86 -6.79 3.86 -16.08
CA LYS A 86 -6.72 2.87 -17.17
C LYS A 86 -7.89 3.01 -18.13
N SER A 87 -9.06 3.45 -17.65
CA SER A 87 -10.23 3.48 -18.51
C SER A 87 -10.05 4.52 -19.60
N ALA A 88 -9.20 5.51 -19.34
CA ALA A 88 -8.91 6.55 -20.34
C ALA A 88 -7.98 6.10 -21.46
N MET A 89 -7.33 4.96 -21.29
CA MET A 89 -6.36 4.46 -22.25
C MET A 89 -7.01 3.71 -23.40
N PRO A 90 -6.35 3.73 -24.59
CA PRO A 90 -5.01 4.24 -24.89
C PRO A 90 -4.92 5.75 -25.23
N GLU A 91 -6.05 6.41 -25.40
CA GLU A 91 -6.04 7.82 -25.78
C GLU A 91 -5.38 8.67 -24.71
N GLY A 92 -5.59 8.29 -23.46
CA GLY A 92 -4.87 8.87 -22.35
C GLY A 92 -5.61 9.97 -21.62
N TYR A 93 -4.90 10.62 -20.72
CA TYR A 93 -5.45 11.75 -19.99
C TYR A 93 -4.42 12.86 -19.85
N VAL A 94 -4.96 14.05 -19.60
CA VAL A 94 -4.18 15.20 -19.19
C VAL A 94 -4.14 15.26 -17.67
N GLN A 95 -2.96 15.43 -17.11
CA GLN A 95 -2.77 15.58 -15.66
C GLN A 95 -2.17 16.96 -15.41
N GLU A 96 -2.89 17.80 -14.67
CA GLU A 96 -2.41 19.16 -14.37
C GLU A 96 -2.26 19.29 -12.88
N ARG A 97 -1.16 19.90 -12.44
CA ARG A 97 -0.97 20.20 -11.02
C ARG A 97 -0.49 21.61 -10.78
N THR A 98 -0.83 22.12 -9.61
CA THR A 98 -0.09 23.23 -9.02
C THR A 98 0.51 22.63 -7.75
N ILE A 99 1.81 22.83 -7.55
CA ILE A 99 2.50 22.35 -6.37
C ILE A 99 3.11 23.53 -5.65
N PHE A 100 2.56 23.84 -4.49
CA PHE A 100 3.06 24.93 -3.69
C PHE A 100 4.11 24.45 -2.70
N PHE A 101 5.28 25.10 -2.69
CA PHE A 101 6.29 24.83 -1.67
C PHE A 101 6.18 25.90 -0.61
N LYS A 102 5.86 25.50 0.64
CA LYS A 102 5.64 26.46 1.72
C LYS A 102 6.81 27.39 1.90
N ASP A 103 6.50 28.70 1.93
CA ASP A 103 7.45 29.81 2.10
C ASP A 103 8.47 29.87 0.95
N ASP A 104 8.08 29.38 -0.20
CA ASP A 104 8.96 29.37 -1.38
C ASP A 104 8.07 29.41 -2.63
N GLY A 105 8.59 28.94 -3.76
CA GLY A 105 7.87 29.06 -5.02
C GLY A 105 6.91 27.95 -5.28
N ASN A 106 6.39 27.91 -6.51
CA ASN A 106 5.46 26.87 -6.93
C ASN A 106 5.77 26.36 -8.33
N TYR A 107 5.47 25.08 -8.51
CA TYR A 107 5.43 24.47 -9.84
C TYR A 107 4.00 24.43 -10.36
N LYS A 108 3.84 24.68 -11.65
CA LYS A 108 2.64 24.33 -12.38
C LYS A 108 3.04 23.35 -13.47
N THR A 109 2.33 22.23 -13.56
CA THR A 109 2.69 21.19 -14.49
C THR A 109 1.50 20.81 -15.34
N ARG A 110 1.78 20.43 -16.57
CA ARG A 110 0.78 19.87 -17.45
C ARG A 110 1.42 18.69 -18.14
N ALA A 111 0.76 17.54 -18.03
CA ALA A 111 1.27 16.32 -18.59
C ALA A 111 0.21 15.60 -19.39
N GLU A 112 0.66 14.91 -20.42
CA GLU A 112 -0.19 14.03 -21.19
C GLU A 112 0.36 12.64 -20.97
N VAL A 113 -0.53 11.78 -20.54
CA VAL A 113 -0.19 10.39 -20.29
C VAL A 113 -1.01 9.55 -21.25
N LYS A 114 -0.34 8.90 -22.18
CA LYS A 114 -1.00 8.15 -23.24
C LYS A 114 -0.04 7.16 -23.89
N PHE A 115 -0.57 6.27 -24.71
CA PHE A 115 0.28 5.35 -25.44
C PHE A 115 0.80 5.97 -26.73
N GLU A 116 2.06 5.72 -27.02
CA GLU A 116 2.67 5.97 -28.33
C GLU A 116 3.22 4.63 -28.75
N GLY A 117 2.56 3.99 -29.71
CA GLY A 117 2.87 2.61 -30.03
C GLY A 117 2.52 1.78 -28.79
N ASP A 118 3.40 0.87 -28.39
N ASP A 118 3.42 0.88 -28.39
CA ASP A 118 3.14 0.00 -27.23
CA ASP A 118 3.20 0.00 -27.24
C ASP A 118 3.73 0.58 -25.94
C ASP A 118 3.70 0.59 -25.93
N THR A 119 4.21 1.82 -26.00
CA THR A 119 4.81 2.47 -24.83
C THR A 119 3.89 3.48 -24.16
N LEU A 120 3.83 3.43 -22.84
CA LEU A 120 3.11 4.42 -22.07
C LEU A 120 4.03 5.60 -21.86
N VAL A 121 3.64 6.78 -22.36
CA VAL A 121 4.48 7.97 -22.31
C VAL A 121 3.87 9.02 -21.39
N ASN A 122 4.73 9.68 -20.60
CA ASN A 122 4.32 10.76 -19.73
C ASN A 122 5.13 11.96 -20.20
N ARG A 123 4.49 12.84 -20.98
CA ARG A 123 5.12 14.07 -21.49
C ARG A 123 4.67 15.31 -20.73
N ILE A 124 5.62 16.01 -20.11
CA ILE A 124 5.33 17.00 -19.09
C ILE A 124 5.97 18.32 -19.43
N GLU A 125 5.21 19.40 -19.22
CA GLU A 125 5.76 20.74 -19.19
CA GLU A 125 5.75 20.75 -19.20
C GLU A 125 5.63 21.26 -17.77
N LEU A 126 6.73 21.84 -17.25
CA LEU A 126 6.74 22.36 -15.89
C LEU A 126 7.26 23.78 -15.89
N LYS A 127 6.51 24.63 -15.20
CA LYS A 127 6.93 26.01 -15.00
C LYS A 127 6.96 26.32 -13.50
N GLY A 128 8.13 26.70 -13.00
CA GLY A 128 8.30 27.11 -11.62
C GLY A 128 8.59 28.59 -11.49
N ILE A 129 7.90 29.25 -10.57
CA ILE A 129 8.10 30.67 -10.36
C ILE A 129 8.26 30.98 -8.87
N ASP A 130 8.87 32.14 -8.61
CA ASP A 130 8.97 32.73 -7.28
C ASP A 130 9.81 31.92 -6.30
N PHE A 131 10.79 31.15 -6.79
CA PHE A 131 11.62 30.41 -5.86
C PHE A 131 12.72 31.27 -5.31
N LYS A 132 13.05 31.02 -4.05
CA LYS A 132 14.10 31.77 -3.37
C LYS A 132 15.45 31.21 -3.73
N GLU A 133 16.39 32.07 -4.10
CA GLU A 133 17.70 31.61 -4.57
C GLU A 133 18.45 30.80 -3.51
N ASP A 134 18.28 31.15 -2.23
CA ASP A 134 18.96 30.45 -1.14
C ASP A 134 18.04 29.53 -0.33
N GLY A 135 16.85 29.23 -0.86
CA GLY A 135 15.89 28.37 -0.17
C GLY A 135 16.19 26.90 -0.28
N ASN A 136 15.29 26.05 0.20
CA ASN A 136 15.53 24.61 0.21
C ASN A 136 15.54 23.99 -1.19
N ILE A 137 14.80 24.62 -2.10
CA ILE A 137 14.67 24.07 -3.45
C ILE A 137 15.91 24.46 -4.30
N LEU A 138 16.11 25.75 -4.55
CA LEU A 138 17.20 26.17 -5.42
C LEU A 138 18.53 25.99 -4.71
N GLY A 139 18.50 25.92 -3.39
CA GLY A 139 19.69 25.64 -2.60
C GLY A 139 20.01 24.16 -2.42
N HIS A 140 19.20 23.27 -3.00
CA HIS A 140 19.39 21.83 -2.88
C HIS A 140 19.62 21.39 -1.42
N LYS A 141 18.66 21.69 -0.55
CA LYS A 141 18.82 21.36 0.87
C LYS A 141 17.95 20.17 1.29
N LEU A 142 17.34 19.51 0.31
CA LEU A 142 16.51 18.35 0.58
C LEU A 142 17.32 17.04 0.62
N GLU A 143 16.93 16.16 1.54
CA GLU A 143 17.52 14.84 1.60
C GLU A 143 17.04 13.99 0.42
N TYR A 144 17.87 13.05 0.02
CA TYR A 144 17.54 12.17 -1.09
C TYR A 144 16.80 10.96 -0.54
N ASN A 145 15.51 11.15 -0.26
CA ASN A 145 14.70 10.11 0.32
C ASN A 145 13.26 10.44 0.05
N TYR A 146 12.35 9.59 0.51
CA TYR A 146 10.95 9.78 0.21
C TYR A 146 10.14 8.91 1.13
N ASN A 147 9.02 9.47 1.58
CA ASN A 147 8.10 8.84 2.51
C ASN A 147 6.87 8.24 1.80
N SER A 148 6.28 7.22 2.40
CA SER A 148 5.03 6.66 1.91
C SER A 148 3.93 7.69 2.05
N HIS A 149 3.06 7.82 1.06
CA HIS A 149 1.93 8.74 1.17
C HIS A 149 0.64 8.18 0.54
N ASN A 150 -0.48 8.52 1.17
CA ASN A 150 -1.81 8.14 0.71
C ASN A 150 -2.47 9.38 0.12
N VAL A 151 -3.09 9.27 -1.05
CA VAL A 151 -3.81 10.41 -1.63
C VAL A 151 -5.24 10.01 -1.92
N TYR A 152 -6.17 10.95 -1.75
CA TYR A 152 -7.59 10.70 -1.86
C TYR A 152 -8.15 11.16 -3.19
N ILE A 153 -8.47 10.19 -4.06
CA ILE A 153 -8.99 10.45 -5.40
C ILE A 153 -10.47 10.74 -5.31
N MET A 154 -10.90 11.83 -5.96
CA MET A 154 -12.32 12.14 -6.00
C MET A 154 -12.77 12.39 -7.44
N ALA A 155 -13.99 11.95 -7.78
CA ALA A 155 -14.58 12.28 -9.09
C ALA A 155 -14.74 13.77 -9.25
N ASP A 156 -14.51 14.24 -10.47
CA ASP A 156 -14.76 15.62 -10.87
C ASP A 156 -15.75 15.56 -12.04
N LYS A 157 -17.03 15.45 -11.71
CA LYS A 157 -18.05 15.18 -12.74
C LYS A 157 -18.09 16.30 -13.78
N GLN A 158 -17.92 17.54 -13.31
CA GLN A 158 -17.97 18.71 -14.18
C GLN A 158 -16.97 18.63 -15.35
N LYS A 159 -15.89 17.86 -15.17
CA LYS A 159 -14.85 17.75 -16.19
C LYS A 159 -14.68 16.31 -16.69
N ASN A 160 -15.57 15.42 -16.26
CA ASN A 160 -15.52 14.02 -16.67
C ASN A 160 -14.19 13.40 -16.28
N GLY A 161 -13.65 13.81 -15.14
CA GLY A 161 -12.38 13.30 -14.68
C GLY A 161 -12.28 13.12 -13.18
N ILE A 162 -11.08 13.31 -12.66
CA ILE A 162 -10.83 13.21 -11.22
C ILE A 162 -10.03 14.42 -10.71
N LYS A 163 -10.06 14.61 -9.39
CA LYS A 163 -9.28 15.64 -8.71
C LYS A 163 -8.71 15.05 -7.42
N VAL A 164 -7.55 15.58 -7.04
CA VAL A 164 -6.79 15.14 -5.87
C VAL A 164 -6.08 16.30 -5.24
N ASN A 165 -6.11 16.39 -3.91
CA ASN A 165 -5.29 17.39 -3.22
C ASN A 165 -4.57 16.72 -2.07
N PHE A 166 -3.26 16.93 -1.99
CA PHE A 166 -2.45 16.21 -1.01
C PHE A 166 -1.17 16.95 -0.68
N LYS A 167 -0.58 16.61 0.45
CA LYS A 167 0.58 17.28 0.99
C LYS A 167 1.76 16.32 1.08
N ILE A 168 2.87 16.68 0.46
CA ILE A 168 4.09 15.88 0.51
C ILE A 168 5.04 16.52 1.51
N ARG A 169 5.68 15.68 2.32
CA ARG A 169 6.65 16.14 3.31
C ARG A 169 8.06 15.79 2.83
N HIS A 170 8.86 16.78 2.47
CA HIS A 170 10.24 16.53 2.04
C HIS A 170 11.17 16.79 3.19
N ASN A 171 11.92 15.78 3.59
CA ASN A 171 12.89 16.01 4.64
C ASN A 171 14.04 16.87 4.18
N ILE A 172 14.46 17.73 5.10
CA ILE A 172 15.55 18.65 4.89
C ILE A 172 16.78 18.19 5.65
N GLU A 173 17.96 18.50 5.11
CA GLU A 173 19.23 18.03 5.67
C GLU A 173 19.51 18.45 7.12
N ASP A 174 19.04 19.62 7.53
CA ASP A 174 19.25 20.08 8.90
C ASP A 174 18.34 19.38 9.92
N GLY A 175 17.22 18.82 9.46
CA GLY A 175 16.32 18.10 10.34
C GLY A 175 14.87 18.52 10.25
N SER A 176 14.61 19.59 9.51
CA SER A 176 13.24 20.05 9.35
C SER A 176 12.57 19.37 8.16
N VAL A 177 11.37 19.83 7.84
CA VAL A 177 10.62 19.36 6.69
C VAL A 177 10.21 20.56 5.80
N GLN A 178 10.21 20.32 4.50
CA GLN A 178 9.69 21.24 3.50
C GLN A 178 8.38 20.68 2.98
N LEU A 179 7.30 21.41 3.18
CA LEU A 179 5.98 20.95 2.73
C LEU A 179 5.71 21.36 1.29
N ALA A 180 5.04 20.48 0.57
CA ALA A 180 4.64 20.71 -0.82
C ALA A 180 3.18 20.34 -1.01
N ASP A 181 2.32 21.34 -1.10
CA ASP A 181 0.86 21.07 -1.28
C ASP A 181 0.52 20.91 -2.73
N HIS A 182 -0.02 19.75 -3.07
CA HIS A 182 -0.32 19.38 -4.44
C HIS A 182 -1.81 19.51 -4.71
N TYR A 183 -2.15 20.20 -5.80
CA TYR A 183 -3.53 20.26 -6.31
C TYR A 183 -3.54 19.69 -7.72
N GLN A 184 -4.38 18.69 -7.95
CA GLN A 184 -4.29 17.86 -9.17
C GLN A 184 -5.65 17.70 -9.83
N GLN A 185 -5.68 17.79 -11.15
CA GLN A 185 -6.90 17.57 -11.93
C GLN A 185 -6.51 16.71 -13.11
N ASN A 186 -7.30 15.69 -13.41
CA ASN A 186 -7.06 14.84 -14.58
C ASN A 186 -8.30 14.80 -15.44
N THR A 187 -8.11 14.91 -16.76
N THR A 187 -8.13 14.89 -16.75
CA THR A 187 -9.22 14.90 -17.72
CA THR A 187 -9.27 14.82 -17.67
C THR A 187 -8.87 13.94 -18.87
C THR A 187 -8.92 14.00 -18.90
N PRO A 188 -9.87 13.19 -19.37
CA PRO A 188 -9.59 12.31 -20.51
C PRO A 188 -9.23 13.08 -21.77
N ILE A 189 -8.32 12.53 -22.57
CA ILE A 189 -8.02 13.10 -23.88
C ILE A 189 -9.08 12.66 -24.89
N GLY A 190 -9.53 11.40 -24.79
CA GLY A 190 -10.47 10.86 -25.75
C GLY A 190 -11.88 11.37 -25.49
N ASP A 191 -12.79 11.06 -26.41
CA ASP A 191 -14.20 11.38 -26.26
C ASP A 191 -15.00 10.17 -25.79
N GLY A 192 -14.35 9.01 -25.78
CA GLY A 192 -15.02 7.78 -25.41
C GLY A 192 -15.32 7.73 -23.93
N PRO A 193 -16.17 6.77 -23.52
CA PRO A 193 -16.57 6.66 -22.12
C PRO A 193 -15.39 6.34 -21.20
N VAL A 194 -15.43 6.90 -20.00
CA VAL A 194 -14.45 6.57 -18.97
C VAL A 194 -15.18 6.27 -17.66
N LEU A 195 -14.51 5.59 -16.74
CA LEU A 195 -15.05 5.34 -15.41
C LEU A 195 -14.87 6.55 -14.50
N LEU A 196 -15.97 7.12 -14.03
CA LEU A 196 -15.91 8.15 -13.00
C LEU A 196 -16.03 7.45 -11.64
N PRO A 197 -14.97 7.54 -10.82
CA PRO A 197 -14.87 6.72 -9.61
C PRO A 197 -15.62 7.21 -8.40
N ASP A 198 -15.96 6.28 -7.52
CA ASP A 198 -16.33 6.65 -6.16
C ASP A 198 -15.03 7.12 -5.48
N ASN A 199 -15.12 7.91 -4.41
CA ASN A 199 -13.91 8.38 -3.72
C ASN A 199 -13.09 7.19 -3.19
N HIS A 200 -11.77 7.28 -3.28
CA HIS A 200 -10.90 6.20 -2.79
C HIS A 200 -9.46 6.69 -2.65
N TYR A 201 -8.59 5.86 -2.08
CA TYR A 201 -7.18 6.23 -1.93
C TYR A 201 -6.26 5.50 -2.87
N LEU A 202 -5.16 6.17 -3.22
CA LEU A 202 -3.98 5.48 -3.71
C LEU A 202 -2.87 5.60 -2.67
N SER A 203 -2.28 4.46 -2.33
CA SER A 203 -1.16 4.43 -1.41
C SER A 203 0.12 4.22 -2.19
N THR A 204 1.09 5.13 -2.02
CA THR A 204 2.33 5.06 -2.78
C THR A 204 3.56 4.96 -1.89
N GLN A 205 4.47 4.06 -2.23
CA GLN A 205 5.79 4.03 -1.61
C GLN A 205 6.80 4.27 -2.74
N SER A 206 7.82 5.07 -2.44
CA SER A 206 8.79 5.52 -3.42
C SER A 206 10.18 5.31 -2.87
N ALA A 207 11.04 4.63 -3.63
CA ALA A 207 12.41 4.43 -3.23
C ALA A 207 13.33 5.08 -4.27
N LEU A 208 14.22 5.95 -3.82
CA LEU A 208 15.11 6.70 -4.72
C LEU A 208 16.50 6.18 -4.54
N SER A 209 17.19 5.95 -5.66
CA SER A 209 18.55 5.49 -5.63
C SER A 209 19.36 6.05 -6.78
N LYS A 210 20.61 5.62 -6.88
CA LYS A 210 21.53 6.01 -7.94
C LYS A 210 22.06 4.77 -8.68
N ASP A 211 22.37 4.95 -9.96
CA ASP A 211 23.11 4.01 -10.80
C ASP A 211 24.59 4.28 -10.67
N PRO A 212 25.36 3.29 -10.15
CA PRO A 212 26.80 3.46 -9.90
C PRO A 212 27.61 3.76 -11.15
N ASN A 213 27.06 3.41 -12.31
CA ASN A 213 27.77 3.57 -13.58
C ASN A 213 27.37 4.81 -14.35
N GLU A 214 26.47 5.60 -13.77
CA GLU A 214 25.91 6.75 -14.46
C GLU A 214 26.62 8.03 -14.04
N LYS A 215 27.24 8.73 -15.00
CA LYS A 215 28.04 9.90 -14.70
C LYS A 215 27.20 11.17 -14.76
N ARG A 216 26.10 11.12 -15.49
CA ARG A 216 25.20 12.26 -15.54
C ARG A 216 24.37 12.38 -14.27
N ASP A 217 23.81 13.57 -14.06
CA ASP A 217 22.90 13.81 -12.96
C ASP A 217 21.61 13.02 -13.21
N HIS A 218 21.21 12.21 -12.24
CA HIS A 218 20.18 11.20 -12.52
C HIS A 218 19.46 10.78 -11.25
N MET A 219 18.29 10.17 -11.43
CA MET A 219 17.60 9.51 -10.33
C MET A 219 17.03 8.14 -10.75
N VAL A 220 17.20 7.13 -9.90
CA VAL A 220 16.50 5.86 -10.08
C VAL A 220 15.35 5.84 -9.11
N LEU A 221 14.17 5.54 -9.65
CA LEU A 221 12.91 5.55 -8.90
C LEU A 221 12.22 4.19 -8.93
N LEU A 222 11.91 3.63 -7.75
CA LEU A 222 11.05 2.44 -7.64
C LEU A 222 9.80 2.87 -6.90
N GLU A 223 8.64 2.64 -7.50
CA GLU A 223 7.38 3.06 -6.90
C GLU A 223 6.40 1.88 -6.83
N PHE A 224 5.69 1.79 -5.70
CA PHE A 224 4.57 0.86 -5.54
C PHE A 224 3.30 1.69 -5.31
N VAL A 225 2.24 1.38 -6.05
CA VAL A 225 1.00 2.14 -5.98
C VAL A 225 -0.19 1.16 -5.91
N THR A 226 -1.04 1.37 -4.91
N THR A 226 -1.00 1.28 -4.88
CA THR A 226 -2.12 0.45 -4.62
CA THR A 226 -2.18 0.41 -4.75
C THR A 226 -3.38 1.20 -4.18
C THR A 226 -3.35 1.23 -4.29
N ALA A 227 -4.52 0.86 -4.76
CA ALA A 227 -5.77 1.53 -4.40
C ALA A 227 -6.43 0.85 -3.20
N ALA A 228 -7.09 1.62 -2.38
CA ALA A 228 -7.80 1.11 -1.22
C ALA A 228 -8.99 2.02 -0.90
N GLY A 229 -10.01 1.48 -0.24
CA GLY A 229 -11.18 2.24 0.14
C GLY A 229 -10.96 3.04 1.39
N ILE A 230 -9.99 2.61 2.19
N ILE A 230 -9.98 2.66 2.19
CA ILE A 230 -9.70 3.21 3.50
CA ILE A 230 -9.74 3.28 3.48
C ILE A 230 -8.20 3.47 3.61
C ILE A 230 -8.23 3.38 3.77
N ALA A 231 -7.82 4.48 4.39
CA ALA A 231 -6.38 4.77 4.63
C ALA A 231 -6.05 5.17 6.07
N ALA A 232 -7.04 5.64 6.83
CA ALA A 232 -6.75 6.12 8.19
C ALA A 232 -7.86 5.83 9.15
N ALA A 233 -7.49 5.80 10.43
CA ALA A 233 -8.42 5.62 11.51
C ALA A 233 -9.33 6.84 11.61
N GLY A 234 -10.51 6.63 12.17
CA GLY A 234 -11.49 7.68 12.34
C GLY A 234 -12.85 7.05 12.44
N LYS A 235 -13.80 7.58 11.66
CA LYS A 235 -15.12 6.97 11.53
C LYS A 235 -15.07 5.72 10.64
N ALA A 236 -16.21 5.06 10.47
CA ALA A 236 -16.22 3.80 9.74
C ALA A 236 -15.82 3.98 8.29
N GLN A 237 -16.23 5.08 7.66
CA GLN A 237 -15.81 5.42 6.29
C GLN A 237 -16.18 4.32 5.29
N LEU A 238 -17.38 3.76 5.43
CA LEU A 238 -17.81 2.63 4.60
C LEU A 238 -18.89 3.05 3.63
N ASP A 239 -18.93 2.44 2.46
CA ASP A 239 -20.11 2.58 1.61
C ASP A 239 -20.89 1.28 1.60
N ILE A 240 -22.02 1.31 2.29
CA ILE A 240 -22.80 0.12 2.55
C ILE A 240 -23.34 -0.49 1.26
N LYS A 241 -23.49 0.31 0.21
CA LYS A 241 -24.03 -0.20 -1.05
C LYS A 241 -23.12 -1.25 -1.66
N ASN A 242 -21.87 -1.28 -1.23
CA ASN A 242 -20.88 -2.19 -1.79
C ASN A 242 -20.83 -3.50 -1.05
N PHE A 243 -21.60 -3.63 0.03
CA PHE A 243 -21.47 -4.80 0.89
C PHE A 243 -22.38 -5.90 0.40
N PRO A 244 -22.00 -7.16 0.63
CA PRO A 244 -22.93 -8.24 0.29
C PRO A 244 -24.21 -8.11 1.11
N GLU A 245 -25.35 -8.39 0.51
CA GLU A 245 -26.61 -8.07 1.16
C GLU A 245 -27.07 -9.16 2.12
N LEU A 246 -27.83 -8.74 3.12
CA LEU A 246 -28.50 -9.66 4.05
C LEU A 246 -29.52 -10.48 3.30
N TYR A 247 -29.61 -11.77 3.66
CA TYR A 247 -30.64 -12.62 3.12
C TYR A 247 -31.02 -13.68 4.14
N ARG A 248 -32.14 -14.32 3.89
CA ARG A 248 -32.70 -15.28 4.83
C ARG A 248 -32.42 -16.70 4.30
N THR A 249 -31.95 -17.58 5.18
CA THR A 249 -31.74 -18.99 4.81
C THR A 249 -31.89 -19.89 6.05
N THR A 250 -31.30 -21.08 6.04
CA THR A 250 -31.31 -21.94 7.22
C THR A 250 -29.91 -22.31 7.68
N GLU A 251 -29.81 -22.73 8.94
CA GLU A 251 -28.51 -22.90 9.57
C GLU A 251 -27.61 -23.88 8.83
N ARG A 252 -28.13 -25.08 8.61
CA ARG A 252 -27.35 -26.14 7.97
C ARG A 252 -26.94 -25.70 6.57
N VAL A 253 -27.83 -25.01 5.87
CA VAL A 253 -27.53 -24.52 4.52
C VAL A 253 -26.46 -23.44 4.54
N TYR A 254 -26.49 -22.54 5.52
CA TYR A 254 -25.46 -21.52 5.61
C TYR A 254 -24.13 -22.14 6.03
N LYS A 255 -24.18 -22.98 7.06
CA LYS A 255 -22.96 -23.53 7.64
C LYS A 255 -22.34 -24.59 6.72
N LYS A 256 -23.16 -25.15 5.83
CA LYS A 256 -22.76 -26.22 4.93
C LYS A 256 -22.39 -27.50 5.70
N SER A 257 -23.02 -27.69 6.86
CA SER A 257 -22.73 -28.84 7.73
C SER A 257 -23.74 -28.88 8.89
N GLY A 258 -23.74 -29.98 9.65
CA GLY A 258 -24.59 -30.08 10.83
C GLY A 258 -26.05 -30.38 10.55
N GLN A 259 -26.84 -30.48 11.63
CA GLN A 259 -28.23 -30.94 11.56
C GLN A 259 -29.25 -29.81 11.77
N SER A 260 -28.80 -28.62 12.15
CA SER A 260 -29.75 -27.58 12.55
C SER A 260 -30.51 -26.99 11.33
N THR A 261 -31.82 -26.92 11.45
CA THR A 261 -32.70 -26.42 10.38
C THR A 261 -33.19 -25.00 10.69
N LYS A 262 -32.66 -24.39 11.74
CA LYS A 262 -33.15 -23.10 12.21
C LYS A 262 -32.98 -21.98 11.16
N PRO A 263 -34.08 -21.27 10.85
N PRO A 263 -34.07 -21.21 10.93
CA PRO A 263 -34.02 -20.07 9.98
CA PRO A 263 -34.00 -20.07 10.00
C PRO A 263 -33.02 -19.01 10.50
C PRO A 263 -33.01 -19.01 10.50
N VAL A 264 -32.19 -18.45 9.61
CA VAL A 264 -31.21 -17.46 9.98
C VAL A 264 -31.10 -16.34 8.94
N THR A 265 -30.70 -15.16 9.43
CA THR A 265 -30.36 -14.02 8.58
C THR A 265 -28.88 -13.78 8.66
N VAL A 266 -28.29 -13.63 7.48
CA VAL A 266 -26.84 -13.67 7.29
C VAL A 266 -26.45 -12.86 6.06
N SER A 267 -25.15 -12.66 5.87
CA SER A 267 -24.63 -12.21 4.57
C SER A 267 -23.48 -13.15 4.23
N ASN A 268 -23.09 -13.19 2.96
CA ASN A 268 -21.91 -13.93 2.52
C ASN A 268 -20.68 -13.04 2.55
N ILE A 269 -19.75 -13.36 3.42
CA ILE A 269 -18.58 -12.52 3.64
C ILE A 269 -17.74 -12.58 2.37
N HIS A 270 -17.20 -11.43 1.98
CA HIS A 270 -16.37 -11.32 0.80
C HIS A 270 -14.92 -11.43 1.22
N TYR A 271 -14.18 -12.40 0.67
CA TYR A 271 -12.72 -12.43 0.85
C TYR A 271 -12.04 -12.11 -0.47
N SER A 272 -10.94 -11.36 -0.46
CA SER A 272 -10.25 -11.06 -1.70
C SER A 272 -9.40 -12.23 -2.23
N VAL A 273 -9.32 -12.36 -3.55
CA VAL A 273 -8.31 -13.17 -4.19
C VAL A 273 -6.95 -12.73 -3.70
N LEU A 274 -6.03 -13.68 -3.55
CA LEU A 274 -4.69 -13.36 -3.06
C LEU A 274 -4.04 -12.49 -4.11
N ASP A 275 -3.21 -11.53 -3.74
CA ASP A 275 -2.65 -10.65 -4.76
C ASP A 275 -1.46 -11.32 -5.44
N GLY A 276 -0.77 -10.60 -6.33
CA GLY A 276 0.27 -11.22 -7.12
C GLY A 276 1.45 -11.72 -6.31
N TYR A 277 1.59 -11.19 -5.11
CA TYR A 277 2.64 -11.62 -4.22
C TYR A 277 2.16 -12.74 -3.28
N GLY A 278 0.91 -13.19 -3.46
CA GLY A 278 0.31 -14.20 -2.58
C GLY A 278 -0.24 -13.68 -1.26
N ARG A 279 -0.42 -12.36 -1.14
CA ARG A 279 -0.79 -11.75 0.13
C ARG A 279 -2.31 -11.64 0.23
N SER A 280 -2.82 -11.83 1.44
CA SER A 280 -4.25 -11.64 1.70
C SER A 280 -4.64 -10.17 1.62
N GLY A 281 -5.83 -9.91 1.10
CA GLY A 281 -6.34 -8.56 0.94
C GLY A 281 -7.60 -8.39 1.76
N GLU A 282 -8.35 -7.36 1.43
CA GLU A 282 -9.43 -7.00 2.34
C GLU A 282 -10.61 -7.96 2.33
N ALA A 283 -11.26 -8.05 3.47
CA ALA A 283 -12.40 -8.95 3.69
C ALA A 283 -13.51 -8.09 4.28
N TYR A 284 -14.75 -8.33 3.89
CA TYR A 284 -15.85 -7.53 4.41
C TYR A 284 -17.17 -8.25 4.27
N GLY A 285 -18.10 -7.86 5.13
CA GLY A 285 -19.40 -8.47 5.13
C GLY A 285 -20.29 -7.82 6.16
N ILE A 286 -21.52 -8.28 6.26
CA ILE A 286 -22.47 -7.77 7.24
C ILE A 286 -22.64 -8.83 8.31
N ILE A 287 -22.26 -8.51 9.53
CA ILE A 287 -22.33 -9.47 10.63
C ILE A 287 -23.66 -9.39 11.36
N THR A 288 -24.28 -10.56 11.56
CA THR A 288 -25.53 -10.66 12.26
C THR A 288 -25.44 -11.56 13.50
N LYS A 289 -26.43 -11.44 14.35
CA LYS A 289 -26.50 -12.27 15.55
C LYS A 289 -26.47 -13.77 15.20
N ASP A 290 -27.17 -14.16 14.14
CA ASP A 290 -27.19 -15.55 13.71
C ASP A 290 -25.79 -16.02 13.27
N MET A 291 -25.00 -15.18 12.64
CA MET A 291 -23.69 -15.58 12.20
C MET A 291 -22.80 -15.79 13.40
N ILE A 292 -22.98 -14.91 14.39
CA ILE A 292 -22.22 -15.00 15.64
C ILE A 292 -22.60 -16.29 16.39
N ASP A 293 -23.90 -16.54 16.51
CA ASP A 293 -24.39 -17.73 17.23
C ASP A 293 -23.88 -19.01 16.56
N MET A 294 -23.97 -19.07 15.24
CA MET A 294 -23.56 -20.27 14.49
C MET A 294 -22.06 -20.54 14.57
N SER A 295 -21.26 -19.52 14.82
CA SER A 295 -19.83 -19.70 14.97
C SER A 295 -19.41 -20.11 16.37
N ALA A 296 -20.30 -19.90 17.35
CA ALA A 296 -19.97 -20.12 18.77
C ALA A 296 -19.89 -21.61 19.12
N SER A 304 -7.74 -27.16 10.91
CA SER A 304 -6.84 -27.42 9.79
C SER A 304 -6.48 -26.12 9.05
N LYS A 305 -5.82 -25.18 9.74
CA LYS A 305 -5.57 -23.84 9.21
C LYS A 305 -4.38 -23.81 8.21
N PRO A 306 -4.55 -23.09 7.11
CA PRO A 306 -3.40 -22.87 6.23
C PRO A 306 -2.46 -21.79 6.76
N GLU A 307 -1.33 -21.62 6.09
CA GLU A 307 -0.35 -20.57 6.42
C GLU A 307 -0.39 -19.42 5.43
N PRO A 308 -0.50 -18.19 5.94
CA PRO A 308 -0.51 -17.01 5.07
C PRO A 308 0.90 -16.60 4.66
N SER A 309 0.97 -15.61 3.80
CA SER A 309 2.25 -15.14 3.26
C SER A 309 3.16 -14.69 4.41
N GLY A 310 4.44 -15.03 4.31
CA GLY A 310 5.41 -14.65 5.32
C GLY A 310 5.60 -15.64 6.44
N TRP A 311 4.88 -16.74 6.41
CA TRP A 311 4.93 -17.67 7.50
C TRP A 311 6.24 -18.45 7.51
N TYR A 312 6.71 -18.81 6.32
CA TYR A 312 8.00 -19.50 6.16
C TYR A 312 9.02 -18.65 5.41
N SER A 313 10.32 -18.93 5.61
CA SER A 313 11.38 -18.47 4.74
C SER A 313 11.85 -19.66 3.91
N TYR A 314 12.52 -19.35 2.80
CA TYR A 314 13.01 -20.35 1.87
C TYR A 314 14.44 -20.02 1.50
N PHE A 315 15.26 -21.05 1.38
CA PHE A 315 16.67 -20.90 1.06
C PHE A 315 17.15 -22.01 0.15
N PHE A 316 18.10 -21.69 -0.72
CA PHE A 316 18.74 -22.72 -1.55
C PHE A 316 19.63 -23.60 -0.69
N LYS A 317 19.50 -24.91 -0.86
CA LYS A 317 20.24 -25.86 -0.02
C LYS A 317 21.74 -25.72 -0.18
N ASN A 318 22.19 -25.37 -1.39
CA ASN A 318 23.61 -25.34 -1.68
C ASN A 318 24.21 -23.98 -1.32
N THR A 319 23.48 -22.92 -1.66
CA THR A 319 23.96 -21.56 -1.48
C THR A 319 23.70 -21.01 -0.08
N ASN A 320 22.65 -21.51 0.55
CA ASN A 320 22.11 -20.91 1.77
C ASN A 320 21.70 -19.46 1.51
N GLN A 321 21.51 -19.11 0.24
CA GLN A 321 21.04 -17.79 -0.16
C GLN A 321 19.51 -17.81 -0.17
N ARG A 322 18.89 -16.68 0.18
CA ARG A 322 17.42 -16.66 0.30
C ARG A 322 16.78 -16.97 -1.03
N ALA A 323 15.83 -17.89 -0.96
CA ALA A 323 14.98 -18.28 -2.08
C ALA A 323 13.57 -17.73 -1.90
N THR A 324 12.75 -17.91 -2.94
CA THR A 324 11.35 -17.53 -2.88
C THR A 324 10.50 -18.79 -2.75
N GLU A 325 9.24 -18.61 -2.39
CA GLU A 325 8.32 -19.72 -2.27
C GLU A 325 8.14 -20.45 -3.59
N SER A 326 8.17 -19.72 -4.70
CA SER A 326 7.98 -20.32 -6.00
C SER A 326 9.16 -21.24 -6.31
N ASP A 327 10.35 -20.80 -5.96
CA ASP A 327 11.53 -21.62 -6.05
C ASP A 327 11.29 -22.93 -5.29
N TYR A 328 10.69 -22.82 -4.11
CA TYR A 328 10.40 -24.00 -3.28
C TYR A 328 9.40 -24.91 -3.97
N LYS A 329 8.44 -24.30 -4.65
CA LYS A 329 7.46 -25.06 -5.43
C LYS A 329 8.06 -25.73 -6.66
N HIS A 330 8.92 -24.99 -7.37
CA HIS A 330 9.48 -25.47 -8.62
C HIS A 330 10.59 -26.48 -8.41
N SER A 331 11.09 -26.60 -7.18
CA SER A 331 12.12 -27.57 -6.89
C SER A 331 12.39 -27.73 -5.38
N PRO A 332 11.52 -28.45 -4.67
CA PRO A 332 11.73 -28.63 -3.23
C PRO A 332 13.02 -29.35 -2.88
N LYS A 333 13.56 -30.13 -3.82
CA LYS A 333 14.78 -30.89 -3.58
C LYS A 333 15.98 -29.96 -3.38
N ASN A 334 15.96 -28.79 -4.03
CA ASN A 334 17.05 -27.80 -3.91
C ASN A 334 16.77 -26.65 -2.89
N VAL A 335 15.54 -26.57 -2.37
CA VAL A 335 15.13 -25.42 -1.55
C VAL A 335 14.61 -25.83 -0.17
N SER A 336 15.20 -25.25 0.88
CA SER A 336 14.77 -25.53 2.25
C SER A 336 13.70 -24.54 2.68
N LYS A 337 12.68 -25.05 3.36
CA LYS A 337 11.58 -24.27 3.91
C LYS A 337 11.83 -24.20 5.41
N ILE A 338 11.75 -23.01 5.99
CA ILE A 338 12.03 -22.85 7.42
C ILE A 338 10.97 -21.97 8.07
N SER A 339 10.45 -22.39 9.22
CA SER A 339 9.43 -21.59 9.89
C SER A 339 10.03 -20.28 10.39
N ASN A 340 9.29 -19.19 10.19
CA ASN A 340 9.70 -17.88 10.67
C ASN A 340 9.29 -17.62 12.10
N ASN A 341 8.45 -18.48 12.66
CA ASN A 341 7.86 -18.18 13.96
C ASN A 341 8.90 -18.34 15.06
N ILE A 342 8.62 -17.68 16.17
CA ILE A 342 9.53 -17.57 17.32
C ILE A 342 8.71 -17.77 18.57
N LYS A 343 9.16 -18.61 19.48
CA LYS A 343 8.49 -18.72 20.77
C LYS A 343 9.33 -17.95 21.80
N ALA A 344 8.67 -17.11 22.59
CA ALA A 344 9.38 -16.27 23.55
C ALA A 344 8.50 -15.96 24.73
N SER A 345 9.11 -15.49 25.81
CA SER A 345 8.38 -14.96 26.95
C SER A 345 8.52 -13.45 26.97
N ILE A 346 7.39 -12.75 27.07
CA ILE A 346 7.34 -11.30 26.99
C ILE A 346 6.60 -10.71 28.18
N LEU A 347 7.07 -9.55 28.65
CA LEU A 347 6.35 -8.77 29.67
C LEU A 347 5.35 -7.83 28.99
N LEU A 348 4.07 -8.03 29.30
CA LEU A 348 3.01 -7.21 28.74
C LEU A 348 2.83 -5.91 29.52
N SER A 349 2.15 -4.94 28.89
CA SER A 349 1.84 -3.64 29.49
C SER A 349 1.17 -3.77 30.86
N ASN A 350 0.24 -4.72 30.98
CA ASN A 350 -0.49 -4.90 32.22
C ASN A 350 0.30 -5.66 33.29
N GLY A 351 1.58 -5.90 33.01
CA GLY A 351 2.47 -6.56 33.96
C GLY A 351 2.43 -8.08 33.94
N ASN A 352 1.68 -8.65 33.00
CA ASN A 352 1.56 -10.10 32.88
C ASN A 352 2.62 -10.65 31.91
N VAL A 353 3.02 -11.89 32.14
CA VAL A 353 4.00 -12.57 31.29
C VAL A 353 3.33 -13.50 30.28
N ARG A 354 3.60 -13.27 29.00
CA ARG A 354 3.09 -14.12 27.93
C ARG A 354 4.17 -15.00 27.37
N ASN A 355 4.06 -16.30 27.62
CA ASN A 355 4.94 -17.30 27.02
C ASN A 355 4.22 -17.98 25.86
N GLY A 356 4.70 -17.74 24.65
CA GLY A 356 4.07 -18.27 23.45
C GLY A 356 4.72 -17.82 22.17
N TYR A 357 4.16 -18.25 21.04
CA TYR A 357 4.68 -17.86 19.75
C TYR A 357 4.37 -16.40 19.43
N LEU A 358 5.32 -15.70 18.80
CA LEU A 358 5.15 -14.29 18.47
C LEU A 358 4.15 -14.03 17.39
N PHE A 359 4.04 -14.95 16.45
CA PHE A 359 3.15 -14.79 15.33
C PHE A 359 1.99 -15.80 15.41
N ASP A 360 0.85 -15.33 14.95
CA ASP A 360 -0.39 -16.07 14.85
C ASP A 360 -0.85 -16.11 13.39
N ARG A 361 -1.59 -17.15 13.03
CA ARG A 361 -2.34 -17.13 11.79
C ARG A 361 -3.59 -16.35 12.09
N SER A 362 -3.53 -15.04 11.86
CA SER A 362 -4.49 -14.11 12.40
C SER A 362 -5.64 -13.82 11.43
N GLY A 363 -6.87 -14.00 11.89
CA GLY A 363 -8.03 -13.84 11.02
C GLY A 363 -8.34 -12.40 10.75
N LEU A 364 -8.61 -12.05 9.50
CA LEU A 364 -9.04 -10.69 9.18
C LEU A 364 -10.47 -10.48 9.67
N ILE A 365 -11.38 -11.35 9.27
CA ILE A 365 -12.69 -11.45 9.89
C ILE A 365 -12.69 -12.67 10.84
N ALA A 366 -12.79 -12.34 12.12
CA ALA A 366 -12.67 -13.34 13.17
C ALA A 366 -13.63 -14.51 13.03
N ASP A 367 -13.15 -15.68 13.44
CA ASP A 367 -13.98 -16.85 13.57
C ASP A 367 -15.29 -16.54 14.32
N SER A 368 -15.18 -15.76 15.38
CA SER A 368 -16.34 -15.47 16.25
C SER A 368 -17.43 -14.64 15.55
N LEU A 369 -17.02 -13.91 14.51
CA LEU A 369 -17.92 -13.09 13.72
C LEU A 369 -18.48 -13.83 12.50
N GLY A 370 -18.06 -15.08 12.30
CA GLY A 370 -18.50 -15.82 11.14
C GLY A 370 -17.40 -16.01 10.08
N GLY A 371 -16.19 -15.56 10.39
CA GLY A 371 -15.07 -15.71 9.46
C GLY A 371 -14.65 -17.17 9.31
N ARG A 372 -14.07 -17.49 8.14
CA ARG A 372 -13.66 -18.86 7.82
C ARG A 372 -12.13 -18.90 7.73
N PRO A 373 -11.52 -20.06 8.07
CA PRO A 373 -10.07 -20.22 8.05
C PRO A 373 -9.44 -20.44 6.66
N PHE A 374 -9.94 -19.76 5.64
CA PHE A 374 -9.30 -19.79 4.32
C PHE A 374 -8.01 -18.98 4.43
N ARG A 375 -7.01 -19.33 3.62
CA ARG A 375 -5.80 -18.49 3.56
C ARG A 375 -6.14 -17.03 3.25
N ASN A 376 -7.18 -16.86 2.45
CA ASN A 376 -7.58 -15.51 2.04
C ASN A 376 -8.04 -14.63 3.22
N ASN A 377 -8.37 -15.27 4.34
CA ASN A 377 -8.83 -14.56 5.52
C ASN A 377 -7.79 -14.55 6.63
N LEU A 378 -6.54 -14.84 6.29
CA LEU A 378 -5.47 -14.88 7.29
C LEU A 378 -4.30 -13.99 6.92
N ILE A 379 -3.68 -13.41 7.95
CA ILE A 379 -2.38 -12.77 7.76
C ILE A 379 -1.42 -13.33 8.79
N THR A 380 -0.13 -13.11 8.55
CA THR A 380 0.88 -13.41 9.54
C THR A 380 0.90 -12.22 10.46
N GLY A 381 0.26 -12.37 11.62
CA GLY A 381 0.05 -11.27 12.53
C GLY A 381 0.70 -11.60 13.85
N THR A 382 1.13 -10.60 14.60
CA THR A 382 1.73 -10.88 15.90
C THR A 382 0.60 -11.21 16.86
N ARG A 383 0.92 -11.90 17.95
CA ARG A 383 -0.07 -12.20 18.96
C ARG A 383 -0.65 -10.93 19.52
N THR A 384 0.20 -9.94 19.74
CA THR A 384 -0.27 -8.60 20.13
C THR A 384 -1.25 -8.00 19.13
N GLN A 385 -0.92 -8.05 17.84
CA GLN A 385 -1.83 -7.57 16.79
C GLN A 385 -3.20 -8.25 16.91
N ASN A 386 -3.18 -9.54 17.22
CA ASN A 386 -4.41 -10.31 17.22
C ASN A 386 -5.25 -10.12 18.49
N VAL A 387 -4.64 -10.17 19.67
CA VAL A 387 -5.43 -10.06 20.90
C VAL A 387 -4.99 -8.97 21.89
N GLY A 388 -4.05 -8.12 21.47
CA GLY A 388 -3.47 -7.15 22.39
C GLY A 388 -3.00 -7.89 23.64
N ASN A 389 -3.35 -7.37 24.81
CA ASN A 389 -3.05 -8.05 26.07
C ASN A 389 -4.13 -9.05 26.48
N ASN A 390 -4.98 -9.42 25.53
CA ASN A 390 -6.01 -10.43 25.74
C ASN A 390 -6.97 -10.04 26.88
N ASP A 391 -7.30 -8.76 26.93
CA ASP A 391 -8.16 -8.19 27.97
C ASP A 391 -9.31 -7.36 27.36
N ARG A 392 -9.60 -7.63 26.08
CA ARG A 392 -10.72 -7.03 25.34
C ARG A 392 -10.51 -5.55 25.05
N LYS A 393 -9.31 -5.04 25.28
CA LYS A 393 -9.03 -3.61 25.15
C LYS A 393 -8.06 -3.26 23.99
N GLY A 394 -7.43 -4.27 23.38
CA GLY A 394 -6.47 -3.99 22.31
C GLY A 394 -6.43 -5.02 21.21
N GLY A 395 -5.67 -4.71 20.15
CA GLY A 395 -5.57 -5.61 19.01
C GLY A 395 -6.89 -5.73 18.27
N MET A 396 -6.95 -6.71 17.38
CA MET A 396 -8.15 -7.08 16.66
C MET A 396 -9.25 -7.39 17.66
N GLN A 397 -8.86 -7.98 18.79
CA GLN A 397 -9.82 -8.42 19.78
C GLN A 397 -10.69 -7.26 20.29
N TYR A 398 -10.11 -6.07 20.39
CA TYR A 398 -10.86 -4.91 20.88
C TYR A 398 -12.10 -4.63 20.03
N ILE A 399 -11.92 -4.57 18.71
CA ILE A 399 -13.03 -4.20 17.84
C ILE A 399 -13.95 -5.42 17.61
N GLU A 400 -13.39 -6.63 17.61
CA GLU A 400 -14.21 -7.82 17.53
C GLU A 400 -15.17 -7.95 18.71
N ASN A 401 -14.63 -7.78 19.92
CA ASN A 401 -15.45 -7.90 21.12
C ASN A 401 -16.47 -6.75 21.22
N LYS A 402 -16.10 -5.58 20.73
CA LYS A 402 -17.02 -4.45 20.70
C LYS A 402 -18.23 -4.76 19.85
N VAL A 403 -17.99 -5.35 18.68
CA VAL A 403 -19.06 -5.80 17.80
C VAL A 403 -19.86 -6.93 18.44
N LEU A 404 -19.18 -7.93 19.00
CA LEU A 404 -19.88 -9.06 19.64
C LEU A 404 -20.80 -8.59 20.74
N ASP A 405 -20.26 -7.74 21.60
CA ASP A 405 -20.98 -7.31 22.77
C ASP A 405 -22.20 -6.44 22.39
N HIS A 406 -22.05 -5.65 21.34
CA HIS A 406 -23.12 -4.72 20.92
C HIS A 406 -24.27 -5.54 20.37
N ILE A 407 -23.94 -6.53 19.54
CA ILE A 407 -24.98 -7.35 18.93
C ILE A 407 -25.64 -8.21 20.00
N LYS A 408 -24.86 -8.66 20.97
CA LYS A 408 -25.45 -9.36 22.10
C LYS A 408 -26.50 -8.51 22.83
N ARG A 409 -26.22 -7.22 23.03
CA ARG A 409 -27.16 -6.34 23.75
C ARG A 409 -28.20 -5.70 22.82
N ASN A 410 -28.08 -5.92 21.52
CA ASN A 410 -28.97 -5.36 20.51
C ASN A 410 -29.15 -6.39 19.42
N PRO A 411 -29.89 -7.46 19.71
CA PRO A 411 -29.86 -8.65 18.85
C PRO A 411 -30.39 -8.46 17.42
N LYS A 412 -31.16 -7.41 17.14
CA LYS A 412 -31.70 -7.19 15.81
C LYS A 412 -30.79 -6.23 15.00
N VAL A 413 -29.68 -5.83 15.59
CA VAL A 413 -28.78 -4.90 14.91
C VAL A 413 -27.72 -5.70 14.15
N HIS A 414 -27.31 -5.21 12.99
CA HIS A 414 -26.22 -5.86 12.24
C HIS A 414 -25.08 -4.88 12.06
N VAL A 415 -23.92 -5.40 11.70
CA VAL A 415 -22.73 -4.56 11.63
C VAL A 415 -22.00 -4.77 10.33
N TYR A 416 -21.86 -3.69 9.57
CA TYR A 416 -21.03 -3.66 8.41
C TYR A 416 -19.60 -3.69 8.89
N TYR A 417 -18.83 -4.69 8.45
CA TYR A 417 -17.51 -4.93 9.01
C TYR A 417 -16.48 -5.18 7.89
N LYS A 418 -15.36 -4.49 7.94
CA LYS A 418 -14.33 -4.64 6.93
CA LYS A 418 -14.33 -4.63 6.92
C LYS A 418 -12.95 -4.64 7.57
N ALA A 419 -12.10 -5.57 7.14
CA ALA A 419 -10.72 -5.59 7.62
C ALA A 419 -9.81 -5.46 6.40
N THR A 420 -8.94 -4.46 6.45
CA THR A 420 -8.11 -4.05 5.33
C THR A 420 -6.65 -4.14 5.74
N PRO A 421 -5.96 -5.21 5.33
N PRO A 421 -5.93 -5.20 5.30
CA PRO A 421 -4.52 -5.20 5.59
CA PRO A 421 -4.51 -5.22 5.64
C PRO A 421 -3.84 -4.04 4.88
C PRO A 421 -3.71 -4.19 4.84
N VAL A 422 -2.83 -3.48 5.53
CA VAL A 422 -2.02 -2.41 4.93
C VAL A 422 -0.59 -2.92 4.69
N TYR A 423 -0.20 -2.97 3.42
CA TYR A 423 1.14 -3.39 3.02
C TYR A 423 1.93 -2.22 2.44
N GLN A 424 3.25 -2.32 2.51
CA GLN A 424 4.14 -1.40 1.81
C GLN A 424 5.02 -2.21 0.91
N GLY A 425 5.28 -1.70 -0.29
CA GLY A 425 6.12 -2.39 -1.23
C GLY A 425 5.62 -3.80 -1.47
N SER A 426 6.57 -4.73 -1.63
CA SER A 426 6.24 -6.13 -1.86
C SER A 426 6.28 -6.94 -0.56
N GLU A 427 6.28 -6.25 0.57
CA GLU A 427 6.41 -6.88 1.88
C GLU A 427 5.31 -7.90 2.10
N LEU A 428 5.68 -9.06 2.65
CA LEU A 428 4.72 -10.15 2.79
C LEU A 428 3.89 -10.09 4.07
N LEU A 429 4.39 -9.38 5.08
CA LEU A 429 3.61 -9.11 6.28
C LEU A 429 3.03 -7.73 6.19
N PRO A 430 1.73 -7.60 6.52
CA PRO A 430 1.21 -6.23 6.61
C PRO A 430 1.81 -5.46 7.80
N ARG A 431 1.94 -4.14 7.67
CA ARG A 431 2.39 -3.31 8.78
C ARG A 431 1.25 -3.04 9.77
N ALA A 432 0.03 -3.17 9.27
CA ALA A 432 -1.15 -2.86 10.07
C ALA A 432 -2.38 -3.45 9.42
N VAL A 433 -3.47 -3.49 10.18
CA VAL A 433 -4.79 -3.80 9.65
C VAL A 433 -5.73 -2.67 10.07
N LEU A 434 -6.45 -2.11 9.11
CA LEU A 434 -7.48 -1.14 9.38
C LEU A 434 -8.82 -1.86 9.49
N VAL A 435 -9.47 -1.77 10.63
CA VAL A 435 -10.75 -2.43 10.81
C VAL A 435 -11.83 -1.37 10.95
N SER A 436 -12.80 -1.42 10.02
CA SER A 436 -13.96 -0.51 9.99
C SER A 436 -15.23 -1.23 10.39
N ALA A 437 -16.01 -0.61 11.29
CA ALA A 437 -17.25 -1.22 11.75
C ALA A 437 -18.32 -0.13 11.88
N LEU A 438 -19.48 -0.39 11.27
CA LEU A 438 -20.66 0.50 11.32
C LEU A 438 -21.86 -0.34 11.65
N SER A 439 -22.41 -0.13 12.84
CA SER A 439 -23.63 -0.85 13.22
C SER A 439 -24.83 -0.19 12.61
N SER A 440 -25.91 -0.94 12.44
CA SER A 440 -27.07 -0.44 11.73
C SER A 440 -27.89 0.54 12.59
N ASP A 441 -27.54 0.65 13.87
CA ASP A 441 -28.14 1.66 14.75
C ASP A 441 -27.19 2.86 14.99
N GLY A 442 -26.00 2.79 14.40
CA GLY A 442 -25.03 3.87 14.36
C GLY A 442 -24.13 3.98 15.57
N PHE A 443 -24.37 3.18 16.60
CA PHE A 443 -23.59 3.37 17.83
C PHE A 443 -22.15 2.89 17.70
N ILE A 444 -21.88 1.95 16.80
CA ILE A 444 -20.50 1.65 16.40
C ILE A 444 -20.27 2.31 15.06
N ASP A 445 -19.27 3.17 15.00
CA ASP A 445 -18.95 3.89 13.77
C ASP A 445 -17.49 4.29 13.84
N GLU A 446 -16.61 3.37 13.52
CA GLU A 446 -15.19 3.64 13.69
C GLU A 446 -14.33 2.79 12.77
N THR A 447 -13.14 3.35 12.51
CA THR A 447 -12.03 2.63 11.89
C THR A 447 -10.88 2.71 12.88
N VAL A 448 -10.33 1.56 13.22
N VAL A 448 -10.32 1.54 13.21
CA VAL A 448 -9.18 1.46 14.11
CA VAL A 448 -9.17 1.44 14.11
C VAL A 448 -8.00 0.95 13.29
C VAL A 448 -7.97 0.88 13.36
N ARG A 449 -6.80 1.45 13.60
CA ARG A 449 -5.57 0.95 12.99
C ARG A 449 -4.93 0.01 13.97
N VAL A 450 -4.79 -1.26 13.60
CA VAL A 450 -4.23 -2.24 14.51
C VAL A 450 -2.83 -2.54 13.96
N PHE A 451 -1.80 -2.17 14.71
CA PHE A 451 -0.43 -2.34 14.24
C PHE A 451 0.01 -3.78 14.35
N ASN A 452 0.78 -4.20 13.35
CA ASN A 452 1.28 -5.56 13.32
C ASN A 452 2.68 -5.56 13.87
N ASN A 453 2.78 -5.40 15.19
CA ASN A 453 4.10 -5.36 15.81
C ASN A 453 4.09 -6.03 17.18
N VAL A 454 5.27 -6.13 17.77
CA VAL A 454 5.38 -6.65 19.13
C VAL A 454 6.57 -5.98 19.79
N ALA A 455 6.38 -5.52 21.02
CA ALA A 455 7.40 -4.76 21.71
C ALA A 455 8.65 -5.59 21.88
N GLY A 456 9.78 -4.99 21.52
CA GLY A 456 11.08 -5.54 21.81
C GLY A 456 11.72 -6.26 20.64
N PHE A 457 10.93 -6.57 19.61
CA PHE A 457 11.44 -7.33 18.50
C PHE A 457 11.37 -6.51 17.22
N ASN A 458 12.34 -6.72 16.36
CA ASN A 458 12.41 -6.11 15.04
C ASN A 458 11.93 -7.07 13.97
N ILE A 459 10.69 -6.87 13.55
CA ILE A 459 10.09 -7.73 12.57
C ILE A 459 10.60 -7.47 11.14
N ASP A 460 10.83 -8.56 10.42
CA ASP A 460 11.19 -8.53 9.00
C ASP A 460 9.90 -8.54 8.18
N TYR A 461 9.39 -7.37 7.79
CA TYR A 461 8.07 -7.32 7.10
C TYR A 461 8.18 -7.86 5.68
N GLN A 462 9.39 -7.79 5.13
CA GLN A 462 9.58 -8.23 3.75
C GLN A 462 9.38 -9.74 3.64
N ASN A 463 10.08 -10.49 4.50
CA ASN A 463 10.12 -11.94 4.41
C ASN A 463 9.35 -12.70 5.49
N GLY A 464 8.97 -12.00 6.55
CA GLY A 464 8.46 -12.62 7.76
C GLY A 464 9.58 -12.94 8.73
N GLY A 465 9.20 -13.27 9.95
CA GLY A 465 10.17 -13.49 11.00
C GLY A 465 10.83 -12.22 11.49
N LEU A 466 12.03 -12.37 12.06
CA LEU A 466 12.81 -11.27 12.60
C LEU A 466 13.92 -10.87 11.66
N LEU A 467 14.30 -9.60 11.74
CA LEU A 467 15.43 -9.10 11.00
C LEU A 467 16.71 -9.72 11.55
N SER A 468 17.55 -10.22 10.65
CA SER A 468 18.81 -10.87 11.01
CA SER A 468 18.80 -10.87 11.04
C SER A 468 19.91 -9.84 11.25
N SER A 469 20.95 -10.25 11.98
CA SER A 469 22.08 -9.36 12.26
C SER A 469 22.75 -8.87 10.98
N SER A 511 18.82 -1.65 -10.12
CA SER A 511 18.77 -2.71 -9.11
C SER A 511 19.13 -2.17 -7.71
N LEU A 512 18.50 -2.73 -6.69
CA LEU A 512 18.79 -2.35 -5.30
C LEU A 512 19.55 -3.46 -4.59
N GLN A 513 20.14 -3.14 -3.45
CA GLN A 513 20.97 -4.09 -2.71
C GLN A 513 20.15 -5.01 -1.79
N ASP A 514 20.56 -6.27 -1.72
CA ASP A 514 19.87 -7.26 -0.90
C ASP A 514 20.04 -6.98 0.59
N THR A 515 21.19 -6.42 0.95
CA THR A 515 21.50 -6.15 2.36
C THR A 515 22.18 -4.79 2.53
N VAL A 516 21.49 -3.91 3.26
CA VAL A 516 22.07 -2.67 3.78
C VAL A 516 22.03 -2.70 5.30
N TYR A 517 22.77 -1.78 5.94
CA TYR A 517 22.96 -1.81 7.38
C TYR A 517 22.39 -0.58 8.08
N VAL A 518 21.50 -0.83 9.03
CA VAL A 518 20.86 0.20 9.84
C VAL A 518 20.89 -0.20 11.31
N ASN A 521 18.92 0.62 16.31
CA ASN A 521 18.90 -0.80 16.01
C ASN A 521 18.58 -1.04 14.54
N GLY A 522 17.40 -0.61 14.13
CA GLY A 522 16.98 -0.67 12.74
C GLY A 522 16.07 0.48 12.38
N GLN A 523 16.02 1.49 13.25
CA GLN A 523 15.12 2.62 13.10
C GLN A 523 15.87 3.92 12.78
N SER A 524 17.15 3.80 12.40
CA SER A 524 17.95 4.97 12.07
C SER A 524 17.57 5.54 10.70
N ASP A 525 17.69 6.86 10.56
CA ASP A 525 17.33 7.55 9.31
C ASP A 525 18.35 7.30 8.21
N VAL A 526 19.48 6.69 8.55
CA VAL A 526 20.57 6.46 7.60
C VAL A 526 20.87 4.96 7.47
N TYR A 527 21.17 4.51 6.25
CA TYR A 527 21.63 3.14 6.02
C TYR A 527 22.96 3.14 5.24
N TRP A 528 23.72 2.06 5.39
CA TRP A 528 25.03 1.93 4.76
C TRP A 528 25.12 0.65 3.93
N TYR A 529 25.90 0.67 2.86
CA TYR A 529 26.11 -0.53 2.05
C TYR A 529 27.13 -1.46 2.71
N ASN A 530 28.03 -0.88 3.51
CA ASN A 530 29.09 -1.63 4.18
C ASN A 530 29.13 -1.34 5.68
N LYS A 531 29.40 -2.38 6.47
CA LYS A 531 29.39 -2.27 7.93
C LYS A 531 30.66 -1.60 8.45
N ASP A 532 31.78 -1.82 7.76
CA ASP A 532 33.07 -1.27 8.18
C ASP A 532 33.31 0.15 7.66
N SER A 533 32.22 0.92 7.54
CA SER A 533 32.29 2.32 7.10
C SER A 533 31.66 3.24 8.16
N MET A 534 31.00 2.64 9.15
CA MET A 534 30.31 3.39 10.19
C MET A 534 31.26 3.81 11.30
CA GLU A 545 20.40 -5.62 8.61
C GLU A 545 19.09 -5.87 7.84
N MET A 546 18.84 -5.06 6.81
CA MET A 546 17.64 -5.18 5.96
C MET A 546 17.96 -4.88 4.48
N SER A 547 16.98 -5.07 3.61
CA SER A 547 17.17 -4.78 2.19
C SER A 547 17.11 -3.29 1.94
N GLU A 548 17.77 -2.84 0.87
CA GLU A 548 17.76 -1.42 0.52
C GLU A 548 16.35 -0.96 0.14
N GLN A 549 15.58 -1.84 -0.50
CA GLN A 549 14.22 -1.53 -0.95
C GLN A 549 13.30 -1.18 0.23
N VAL A 550 13.32 -2.01 1.26
CA VAL A 550 12.53 -1.74 2.46
C VAL A 550 13.06 -0.50 3.20
N ALA A 551 14.39 -0.37 3.25
CA ALA A 551 15.02 0.78 3.90
C ALA A 551 14.53 2.10 3.28
N LEU A 552 14.46 2.16 1.95
CA LEU A 552 14.05 3.37 1.24
C LEU A 552 12.53 3.65 1.31
N THR A 553 11.70 2.60 1.23
CA THR A 553 10.26 2.83 1.30
C THR A 553 9.85 3.26 2.73
N ARG A 554 10.75 3.03 3.69
CA ARG A 554 10.57 3.48 5.07
C ARG A 554 11.19 4.87 5.34
N GLY A 555 11.59 5.57 4.27
CA GLY A 555 12.03 6.96 4.39
C GLY A 555 13.49 7.16 4.73
N LYS A 556 14.24 6.07 4.88
CA LYS A 556 15.68 6.17 5.18
C LYS A 556 16.45 6.60 3.93
N HIS A 557 17.66 7.10 4.14
CA HIS A 557 18.51 7.52 3.03
C HIS A 557 19.92 6.94 3.18
N HIS A 558 20.61 6.77 2.05
CA HIS A 558 22.00 6.32 2.07
C HIS A 558 22.89 7.40 2.69
N SER A 559 23.96 6.98 3.37
CA SER A 559 24.86 7.93 4.03
C SER A 559 25.58 8.81 3.01
N THR A 560 25.68 10.10 3.33
CA THR A 560 26.37 11.06 2.48
C THR A 560 27.88 10.93 2.67
#